data_1Q7E
#
_entry.id   1Q7E
#
_cell.length_a   92.366
_cell.length_b   69.605
_cell.length_c   73.219
_cell.angle_alpha   90.00
_cell.angle_beta   108.63
_cell.angle_gamma   90.00
#
_symmetry.space_group_name_H-M   'C 1 2 1'
#
loop_
_entity.id
_entity.type
_entity.pdbx_description
1 polymer 'Hypothetical protein yfdW'
2 non-polymer METHIONINE
3 non-polymer (4S)-2-METHYL-2,4-PENTANEDIOL
4 water water
#
_entity_poly.entity_id   1
_entity_poly.type   'polypeptide(L)'
_entity_poly.pdbx_seq_one_letter_code
;MSLSTPLQGIKVLDFTGVQSGPSCTQ(MSE)LAWFGADVIKIERPGVGDVTRHQLRDIPDIDALYFT(MSE)LNSNKRSI
ELNTKTAEGKEV(MSE)EKLIREADILVENFHPGAIDHMGFTWEHIQEINPRLIFGSIKGFDECSPYVNVKAYENVAQAA
GGAASTTGFWDGPPLVSAAALGDSNTG(MSE)HLLIGLLAALLHREKTGRGQRVT(MSE)S(MSE)QDAVLNLCRVKLRD
QQRLDKLGYLEEYPQYPNGTFGDAVPRGGNAGGGGQPGWILKCKGWETDPNAYIYFTIQEQNWENTCKAIGKPEWITDPA
YSTAHARQPHIFDIFAEIEKYTVTIDKHEAVAYLTQFDIPCAPVLS(MSE)KEISLDPSLRQSGSVVEVEQPLRGKYLTV
GCP(MSE)KFSAFTPDIKAAPLLGEHTAAVLQELGYSDDEIAA(MSE)KQNHAIEGGSHHHHHH
;
_entity_poly.pdbx_strand_id   A
#
# COMPACT_ATOMS: atom_id res chain seq x y z
N LEU A 3 -16.53 21.78 7.84
CA LEU A 3 -16.16 23.11 8.42
C LEU A 3 -14.72 23.16 8.93
N SER A 4 -14.13 21.99 9.18
CA SER A 4 -12.72 21.93 9.55
C SER A 4 -12.15 20.59 9.08
N THR A 5 -10.85 20.55 8.81
CA THR A 5 -10.21 19.28 8.48
C THR A 5 -9.02 19.06 9.43
N PRO A 6 -8.56 17.81 9.57
CA PRO A 6 -7.47 17.52 10.50
C PRO A 6 -6.20 18.32 10.26
N LEU A 7 -5.85 18.57 9.00
CA LEU A 7 -4.58 19.21 8.67
C LEU A 7 -4.77 20.59 8.06
N GLN A 8 -5.93 21.21 8.34
CA GLN A 8 -6.22 22.58 7.92
C GLN A 8 -5.06 23.51 8.26
N GLY A 9 -4.56 24.25 7.26
CA GLY A 9 -3.48 25.20 7.48
C GLY A 9 -2.06 24.65 7.40
N ILE A 10 -1.92 23.32 7.31
CA ILE A 10 -0.61 22.70 7.16
C ILE A 10 -0.10 22.84 5.72
N LYS A 11 1.18 23.21 5.59
CA LYS A 11 1.81 23.46 4.30
C LYS A 11 2.92 22.44 4.06
N VAL A 12 2.79 21.71 2.95
CA VAL A 12 3.74 20.65 2.60
C VAL A 12 4.49 20.96 1.32
N LEU A 13 5.81 20.80 1.37
CA LEU A 13 6.66 20.91 0.18
C LEU A 13 6.99 19.49 -0.22
N ASP A 14 6.59 19.13 -1.43
CA ASP A 14 6.59 17.73 -1.80
C ASP A 14 7.50 17.49 -3.01
N PHE A 15 8.67 16.90 -2.76
CA PHE A 15 9.60 16.55 -3.82
C PHE A 15 9.44 15.13 -4.34
N THR A 16 8.43 14.40 -3.83
CA THR A 16 8.34 12.96 -4.11
C THR A 16 7.86 12.65 -5.53
N GLY A 17 8.25 11.47 -5.98
CA GLY A 17 7.83 10.94 -7.26
C GLY A 17 7.54 9.46 -7.14
N VAL A 18 7.01 8.91 -8.22
CA VAL A 18 6.67 7.49 -8.31
C VAL A 18 5.52 7.19 -7.34
N GLN A 19 5.72 6.26 -6.40
CA GLN A 19 4.55 5.80 -5.61
C GLN A 19 4.64 5.92 -4.08
N SER A 20 5.77 5.54 -3.47
CA SER A 20 5.88 5.63 -2.02
C SER A 20 5.61 7.04 -1.47
N GLY A 21 6.41 8.02 -1.86
CA GLY A 21 6.20 9.37 -1.37
C GLY A 21 4.88 9.94 -1.83
N PRO A 22 4.53 9.86 -3.12
CA PRO A 22 3.24 10.47 -3.54
C PRO A 22 2.03 9.88 -2.83
N SER A 23 2.03 8.59 -2.50
CA SER A 23 0.88 8.03 -1.81
C SER A 23 0.73 8.73 -0.43
N CYS A 24 1.87 8.94 0.24
CA CYS A 24 1.87 9.62 1.54
C CYS A 24 1.29 11.04 1.41
N THR A 25 1.80 11.82 0.45
CA THR A 25 1.39 13.24 0.39
C THR A 25 -0.02 13.40 -0.19
N GLN A 26 -0.49 12.41 -0.96
CA GLN A 26 -1.89 12.43 -1.44
C GLN A 26 -2.82 12.36 -0.21
N LEU A 28 -2.06 13.31 2.81
CA LEU A 28 -1.93 14.61 3.53
C LEU A 28 -2.88 15.63 2.92
N ALA A 29 -2.96 15.62 1.59
CA ALA A 29 -3.86 16.54 0.90
C ALA A 29 -5.33 16.22 1.22
N TRP A 30 -5.67 14.94 1.23
CA TRP A 30 -7.02 14.54 1.55
C TRP A 30 -7.41 14.88 3.00
N PHE A 31 -6.42 15.00 3.88
CA PHE A 31 -6.69 15.38 5.26
C PHE A 31 -6.73 16.89 5.44
N GLY A 32 -6.53 17.63 4.34
CA GLY A 32 -6.69 19.09 4.37
C GLY A 32 -5.43 19.92 4.19
N ALA A 33 -4.27 19.28 4.11
CA ALA A 33 -3.03 20.04 3.93
C ALA A 33 -2.94 20.62 2.52
N ASP A 34 -2.22 21.73 2.39
CA ASP A 34 -1.85 22.27 1.09
C ASP A 34 -0.56 21.61 0.65
N VAL A 35 -0.65 20.76 -0.37
CA VAL A 35 0.51 19.99 -0.83
C VAL A 35 1.01 20.56 -2.14
N ILE A 36 2.21 21.15 -2.10
CA ILE A 36 2.81 21.69 -3.31
C ILE A 36 3.87 20.74 -3.83
N LYS A 37 3.60 20.15 -4.98
CA LYS A 37 4.56 19.29 -5.68
C LYS A 37 5.56 20.19 -6.34
N ILE A 38 6.85 19.96 -6.06
CA ILE A 38 7.92 20.75 -6.66
C ILE A 38 8.55 19.89 -7.73
N GLU A 39 8.32 20.26 -8.98
CA GLU A 39 8.65 19.41 -10.12
C GLU A 39 9.72 20.01 -11.03
N ARG A 40 10.47 19.12 -11.67
CA ARG A 40 11.49 19.50 -12.65
C ARG A 40 10.85 20.17 -13.88
N PRO A 41 11.23 21.41 -14.20
CA PRO A 41 10.59 22.10 -15.32
C PRO A 41 10.59 21.30 -16.64
N GLY A 42 9.44 21.23 -17.31
CA GLY A 42 9.34 20.57 -18.61
C GLY A 42 9.27 19.04 -18.59
N VAL A 43 9.34 18.45 -17.39
CA VAL A 43 9.42 16.98 -17.26
C VAL A 43 8.45 16.47 -16.21
N GLY A 44 8.64 16.93 -14.98
CA GLY A 44 7.75 16.54 -13.89
C GLY A 44 7.98 15.10 -13.42
N ASP A 45 7.12 14.69 -12.49
CA ASP A 45 7.14 13.33 -11.92
C ASP A 45 7.17 12.30 -13.04
N VAL A 46 8.05 11.31 -12.95
CA VAL A 46 8.06 10.27 -13.98
C VAL A 46 6.74 9.56 -14.24
N THR A 47 5.88 9.43 -13.22
CA THR A 47 4.59 8.79 -13.46
C THR A 47 3.66 9.53 -14.43
N ARG A 48 3.93 10.81 -14.68
CA ARG A 48 3.15 11.52 -15.70
C ARG A 48 3.31 10.88 -17.06
N HIS A 49 4.49 10.30 -17.32
CA HIS A 49 4.75 9.74 -18.65
C HIS A 49 4.85 8.20 -18.70
N GLN A 50 4.70 7.52 -17.57
CA GLN A 50 4.84 6.08 -17.58
C GLN A 50 3.48 5.39 -17.68
N LEU A 51 3.42 4.38 -18.54
CA LEU A 51 2.24 3.53 -18.71
C LEU A 51 1.03 4.33 -19.19
N ARG A 52 1.26 5.31 -20.04
CA ARG A 52 0.15 6.12 -20.58
C ARG A 52 -0.84 5.27 -21.36
N ASP A 53 -2.11 5.64 -21.27
CA ASP A 53 -3.13 4.98 -22.07
C ASP A 53 -3.70 5.92 -23.14
N ILE A 54 -3.39 7.20 -23.02
CA ILE A 54 -3.81 8.24 -23.95
C ILE A 54 -2.57 9.07 -24.28
N PRO A 55 -2.27 9.25 -25.56
CA PRO A 55 -1.09 10.01 -25.95
C PRO A 55 -1.05 11.43 -25.35
N ASP A 56 0.14 11.78 -24.84
CA ASP A 56 0.50 13.15 -24.45
C ASP A 56 -0.25 13.76 -23.27
N ILE A 57 -0.97 12.94 -22.52
CA ILE A 57 -1.58 13.47 -21.30
C ILE A 57 -1.10 12.63 -20.14
N ASP A 58 -1.24 13.19 -18.94
CA ASP A 58 -0.73 12.54 -17.73
C ASP A 58 -1.34 11.14 -17.61
N ALA A 59 -0.45 10.20 -17.30
CA ALA A 59 -0.84 8.80 -17.09
C ALA A 59 -1.73 8.61 -15.86
N LEU A 60 -2.49 7.51 -15.86
CA LEU A 60 -3.27 7.12 -14.68
C LEU A 60 -2.35 6.84 -13.48
N TYR A 61 -1.13 6.38 -13.76
CA TYR A 61 -0.16 6.17 -12.68
C TYR A 61 0.00 7.49 -11.88
N PHE A 62 0.04 8.61 -12.59
CA PHE A 62 0.12 9.91 -11.97
C PHE A 62 -1.21 10.37 -11.33
N THR A 63 -2.31 10.26 -12.08
CA THR A 63 -3.56 10.86 -11.56
C THR A 63 -4.10 10.16 -10.32
N LEU A 65 -2.29 8.97 -7.93
CA LEU A 65 -1.42 9.22 -6.80
C LEU A 65 -1.23 10.71 -6.45
N ASN A 66 -1.87 11.62 -7.21
CA ASN A 66 -1.58 13.05 -7.06
C ASN A 66 -2.82 13.91 -7.06
N SER A 67 -3.94 13.26 -6.74
CA SER A 67 -5.18 14.02 -6.54
C SER A 67 -4.99 15.09 -5.46
N ASN A 68 -5.63 16.22 -5.71
CA ASN A 68 -5.70 17.32 -4.71
C ASN A 68 -4.41 18.10 -4.46
N LYS A 69 -3.36 17.82 -5.22
CA LYS A 69 -2.08 18.52 -5.05
C LYS A 69 -2.02 19.72 -5.96
N ARG A 70 -1.12 20.64 -5.62
CA ARG A 70 -0.72 21.73 -6.53
C ARG A 70 0.63 21.39 -7.15
N SER A 71 0.90 21.94 -8.34
CA SER A 71 2.19 21.68 -9.03
C SER A 71 2.89 22.98 -9.38
N ILE A 72 4.13 23.10 -8.97
CA ILE A 72 4.99 24.18 -9.49
C ILE A 72 6.17 23.59 -10.19
N GLU A 73 6.67 24.32 -11.18
CA GLU A 73 7.92 23.96 -11.84
C GLU A 73 9.00 24.84 -11.28
N LEU A 74 10.10 24.26 -10.80
CA LEU A 74 11.10 25.07 -10.11
C LEU A 74 12.48 24.54 -10.41
N ASN A 75 13.36 25.43 -10.89
CA ASN A 75 14.76 25.10 -11.13
C ASN A 75 15.63 25.62 -9.99
N THR A 76 16.00 24.75 -9.06
N THR A 76 15.93 24.69 -9.08
CA THR A 76 16.80 25.17 -7.89
CA THR A 76 16.72 24.92 -7.88
C THR A 76 18.23 25.59 -8.24
C THR A 76 18.19 24.77 -8.21
N LYS A 77 18.66 25.27 -9.46
N LYS A 77 18.65 25.55 -9.18
CA LYS A 77 20.05 25.55 -9.88
CA LYS A 77 20.05 25.65 -9.52
C LYS A 77 20.32 26.98 -10.35
C LYS A 77 20.37 27.11 -9.82
N THR A 78 19.34 27.87 -10.20
CA THR A 78 19.50 29.29 -10.50
C THR A 78 19.41 30.11 -9.23
N ALA A 79 19.92 31.35 -9.30
CA ALA A 79 19.84 32.27 -8.19
C ALA A 79 18.41 32.51 -7.74
N GLU A 80 17.49 32.64 -8.71
CA GLU A 80 16.10 32.92 -8.35
C GLU A 80 15.38 31.66 -7.82
N GLY A 81 15.74 30.49 -8.36
CA GLY A 81 15.19 29.22 -7.88
C GLY A 81 15.57 28.92 -6.44
N LYS A 82 16.83 29.18 -6.09
CA LYS A 82 17.29 29.02 -4.71
C LYS A 82 16.58 30.00 -3.78
N GLU A 83 16.38 31.23 -4.23
CA GLU A 83 15.65 32.19 -3.44
C GLU A 83 14.19 31.76 -3.20
N VAL A 84 13.56 31.21 -4.23
CA VAL A 84 12.17 30.75 -4.10
C VAL A 84 12.14 29.60 -3.10
N GLU A 86 14.20 28.92 -0.61
CA GLU A 86 14.35 29.39 0.77
C GLU A 86 13.07 29.98 1.32
N LYS A 87 12.35 30.79 0.52
CA LYS A 87 11.09 31.35 0.97
C LYS A 87 10.06 30.25 1.24
N LEU A 88 10.04 29.22 0.39
CA LEU A 88 9.09 28.11 0.59
C LEU A 88 9.39 27.36 1.90
N ILE A 89 10.67 27.07 2.13
CA ILE A 89 11.09 26.39 3.38
C ILE A 89 10.73 27.20 4.62
N ARG A 90 10.95 28.52 4.60
CA ARG A 90 10.54 29.35 5.74
C ARG A 90 9.06 29.24 6.12
N GLU A 91 8.20 28.97 5.13
CA GLU A 91 6.75 28.97 5.34
C GLU A 91 6.18 27.58 5.59
N ALA A 92 6.94 26.55 5.30
CA ALA A 92 6.38 25.20 5.27
C ALA A 92 6.36 24.50 6.62
N ASP A 93 5.43 23.57 6.77
CA ASP A 93 5.36 22.71 7.95
C ASP A 93 6.07 21.40 7.77
N ILE A 94 6.01 20.89 6.53
CA ILE A 94 6.53 19.56 6.23
C ILE A 94 7.22 19.61 4.88
N LEU A 95 8.36 18.94 4.76
CA LEU A 95 9.06 18.75 3.48
C LEU A 95 9.21 17.25 3.34
N VAL A 96 8.83 16.70 2.17
CA VAL A 96 8.92 15.23 1.95
C VAL A 96 9.73 14.93 0.68
N GLU A 97 10.63 13.95 0.75
CA GLU A 97 11.37 13.51 -0.43
C GLU A 97 11.58 11.99 -0.42
N ASN A 98 11.68 11.40 -1.62
CA ASN A 98 11.96 9.96 -1.75
C ASN A 98 12.97 9.70 -2.86
N PHE A 99 13.98 10.53 -2.96
CA PHE A 99 14.99 10.37 -3.98
C PHE A 99 15.77 9.07 -3.85
N HIS A 100 16.25 8.53 -4.98
CA HIS A 100 17.23 7.44 -4.95
C HIS A 100 18.48 7.91 -4.21
N PRO A 101 19.24 6.98 -3.62
CA PRO A 101 20.50 7.34 -2.94
C PRO A 101 21.45 8.19 -3.81
N PHE A 109 20.78 23.09 0.52
CA PHE A 109 19.82 23.04 1.62
C PHE A 109 19.94 21.76 2.44
N THR A 110 20.93 21.73 3.32
CA THR A 110 21.12 20.61 4.26
C THR A 110 20.05 20.68 5.37
N TRP A 111 19.84 19.55 6.03
CA TRP A 111 18.94 19.49 7.19
C TRP A 111 19.37 20.49 8.28
N GLU A 112 20.68 20.63 8.46
CA GLU A 112 21.25 21.60 9.41
C GLU A 112 20.80 23.02 9.07
N HIS A 113 20.91 23.39 7.79
CA HIS A 113 20.49 24.72 7.35
C HIS A 113 18.97 24.92 7.48
N ILE A 114 18.20 23.91 7.08
CA ILE A 114 16.74 23.98 7.15
C ILE A 114 16.26 24.24 8.58
N GLN A 115 16.86 23.54 9.54
CA GLN A 115 16.51 23.73 10.95
C GLN A 115 16.74 25.17 11.41
N GLU A 116 17.77 25.80 10.85
CA GLU A 116 18.09 27.17 11.20
C GLU A 116 17.11 28.14 10.55
N ILE A 117 16.74 27.87 9.29
CA ILE A 117 15.70 28.63 8.57
C ILE A 117 14.32 28.48 9.23
N ASN A 118 14.02 27.26 9.66
CA ASN A 118 12.66 26.92 10.13
C ASN A 118 12.69 25.78 11.14
N PRO A 119 12.81 26.12 12.41
CA PRO A 119 12.90 25.11 13.47
C PRO A 119 11.60 24.35 13.70
N ARG A 120 10.51 24.76 13.05
CA ARG A 120 9.23 24.08 13.17
C ARG A 120 9.05 23.04 12.05
N LEU A 121 9.92 23.05 11.05
CA LEU A 121 9.75 22.15 9.88
C LEU A 121 10.01 20.67 10.20
N ILE A 122 9.10 19.81 9.74
CA ILE A 122 9.28 18.35 9.83
C ILE A 122 9.72 17.85 8.45
N PHE A 123 10.84 17.13 8.44
N PHE A 123 10.84 17.13 8.44
CA PHE A 123 11.44 16.64 7.19
CA PHE A 123 11.47 16.64 7.19
C PHE A 123 11.24 15.13 7.11
C PHE A 123 11.24 15.13 7.11
N GLY A 124 10.48 14.68 6.12
CA GLY A 124 10.21 13.26 5.93
C GLY A 124 11.00 12.71 4.77
N SER A 125 11.63 11.54 4.95
CA SER A 125 12.46 10.96 3.88
C SER A 125 12.18 9.46 3.76
N ILE A 126 11.94 9.00 2.54
CA ILE A 126 11.85 7.56 2.25
C ILE A 126 13.10 7.15 1.46
N LYS A 127 13.71 6.04 1.89
CA LYS A 127 14.81 5.40 1.18
C LYS A 127 14.55 3.92 1.05
N GLY A 128 15.29 3.25 0.16
CA GLY A 128 15.17 1.79 0.06
C GLY A 128 15.54 1.10 1.35
N PHE A 129 16.60 1.59 2.00
CA PHE A 129 17.21 0.92 3.15
C PHE A 129 17.60 1.92 4.26
N ASP A 130 17.77 1.43 5.48
CA ASP A 130 18.17 2.25 6.62
C ASP A 130 19.61 2.78 6.46
N GLU A 131 19.90 3.85 7.17
CA GLU A 131 21.20 4.53 7.04
C GLU A 131 22.40 3.63 7.32
N CYS A 132 22.22 2.66 8.22
CA CYS A 132 23.30 1.75 8.57
C CYS A 132 23.29 0.43 7.78
N SER A 133 22.43 0.32 6.78
CA SER A 133 22.37 -0.90 5.98
C SER A 133 23.57 -1.00 5.04
N PRO A 134 24.07 -2.22 4.82
CA PRO A 134 25.07 -2.47 3.78
C PRO A 134 24.50 -2.10 2.42
N TYR A 135 23.16 -2.04 2.30
CA TYR A 135 22.51 -1.68 1.03
C TYR A 135 22.08 -0.21 0.94
N VAL A 136 22.58 0.64 1.83
CA VAL A 136 22.16 2.06 1.91
C VAL A 136 22.19 2.80 0.55
N ASN A 137 23.16 2.46 -0.31
CA ASN A 137 23.33 3.13 -1.59
C ASN A 137 22.73 2.37 -2.77
N VAL A 138 22.02 1.28 -2.49
CA VAL A 138 21.39 0.47 -3.55
C VAL A 138 20.00 1.04 -3.90
N LYS A 139 19.74 1.24 -5.19
CA LYS A 139 18.41 1.64 -5.65
C LYS A 139 17.39 0.54 -5.39
N ALA A 140 16.19 0.93 -4.97
CA ALA A 140 15.14 -0.05 -4.75
C ALA A 140 13.91 0.39 -5.50
N TYR A 141 13.36 -0.56 -6.23
CA TYR A 141 11.99 -0.48 -6.71
C TYR A 141 11.14 -1.45 -5.86
N GLU A 142 9.82 -1.31 -5.96
CA GLU A 142 8.87 -2.21 -5.30
C GLU A 142 9.40 -3.62 -4.94
N ASN A 143 9.71 -4.41 -5.95
CA ASN A 143 10.00 -5.81 -5.72
C ASN A 143 11.39 -6.06 -5.15
N VAL A 144 12.29 -5.09 -5.30
CA VAL A 144 13.59 -5.15 -4.63
C VAL A 144 13.39 -5.14 -3.11
N ALA A 145 12.49 -4.28 -2.65
CA ALA A 145 12.14 -4.23 -1.21
C ALA A 145 11.43 -5.50 -0.78
N GLN A 146 10.53 -6.02 -1.63
CA GLN A 146 9.86 -7.28 -1.25
C GLN A 146 10.88 -8.40 -1.04
N ALA A 147 11.93 -8.42 -1.87
CA ALA A 147 12.96 -9.44 -1.72
C ALA A 147 13.78 -9.22 -0.47
N ALA A 148 14.18 -7.98 -0.24
CA ALA A 148 15.04 -7.69 0.92
C ALA A 148 14.28 -7.74 2.26
N GLY A 149 12.95 -7.66 2.24
CA GLY A 149 12.20 -7.51 3.47
C GLY A 149 11.55 -8.76 4.02
N GLY A 150 11.70 -9.87 3.31
CA GLY A 150 11.19 -11.16 3.79
C GLY A 150 9.98 -11.70 3.05
N ALA A 151 9.29 -10.82 2.33
CA ALA A 151 8.01 -11.19 1.76
C ALA A 151 8.16 -12.16 0.59
N ALA A 152 9.09 -11.89 -0.32
CA ALA A 152 9.22 -12.81 -1.46
C ALA A 152 9.63 -14.20 -0.98
N SER A 153 10.51 -14.27 0.03
CA SER A 153 10.93 -15.57 0.56
C SER A 153 9.80 -16.45 1.04
N THR A 154 8.77 -15.81 1.62
CA THR A 154 7.73 -16.56 2.33
C THR A 154 6.38 -16.58 1.58
N THR A 155 6.37 -16.03 0.36
CA THR A 155 5.15 -15.96 -0.46
C THR A 155 5.30 -16.89 -1.66
N GLY A 156 4.28 -17.68 -1.94
CA GLY A 156 4.35 -18.59 -3.07
C GLY A 156 4.22 -20.01 -2.60
N PHE A 157 4.65 -20.93 -3.45
CA PHE A 157 4.58 -22.36 -3.13
C PHE A 157 5.95 -22.91 -2.78
N TRP A 158 5.92 -23.97 -2.00
CA TRP A 158 7.13 -24.63 -1.52
C TRP A 158 8.00 -25.20 -2.65
N ASP A 159 7.37 -25.52 -3.78
CA ASP A 159 8.09 -26.10 -4.94
C ASP A 159 8.17 -25.13 -6.12
N GLY A 160 7.99 -23.86 -5.84
CA GLY A 160 8.10 -22.81 -6.83
C GLY A 160 9.05 -21.73 -6.33
N PRO A 161 9.30 -20.71 -7.12
CA PRO A 161 10.22 -19.63 -6.73
C PRO A 161 9.60 -18.72 -5.67
N PRO A 162 10.42 -17.89 -5.03
CA PRO A 162 9.90 -16.76 -4.25
C PRO A 162 8.99 -15.98 -5.18
N LEU A 163 7.95 -15.40 -4.59
N LEU A 163 7.88 -15.47 -4.62
CA LEU A 163 6.94 -14.72 -5.37
CA LEU A 163 6.93 -14.71 -5.42
C LEU A 163 6.67 -13.34 -4.81
C LEU A 163 6.65 -13.35 -4.83
N VAL A 164 6.64 -12.36 -5.71
CA VAL A 164 6.27 -11.00 -5.32
C VAL A 164 4.74 -10.89 -5.16
N SER A 165 4.32 -9.97 -4.30
N SER A 165 4.32 -9.99 -4.27
CA SER A 165 2.91 -9.73 -4.09
CA SER A 165 2.91 -9.68 -4.05
C SER A 165 2.47 -8.57 -4.97
C SER A 165 2.48 -8.57 -5.00
N ALA A 166 1.24 -8.67 -5.50
CA ALA A 166 0.66 -7.56 -6.26
C ALA A 166 0.53 -6.31 -5.40
N ALA A 167 0.30 -6.49 -4.11
CA ALA A 167 0.14 -5.36 -3.19
C ALA A 167 1.45 -4.61 -3.10
N ALA A 168 1.35 -3.28 -3.03
CA ALA A 168 2.56 -2.45 -3.10
C ALA A 168 3.18 -2.39 -1.70
N LEU A 169 3.79 -3.52 -1.31
CA LEU A 169 4.46 -3.66 0.00
C LEU A 169 5.67 -2.71 0.17
N GLY A 170 6.37 -2.42 -0.92
CA GLY A 170 7.51 -1.54 -0.89
C GLY A 170 7.20 -0.10 -1.22
N ASP A 171 6.08 0.13 -1.91
CA ASP A 171 5.77 1.49 -2.34
C ASP A 171 4.66 2.13 -1.49
N SER A 172 3.37 1.90 -1.81
CA SER A 172 2.32 2.55 -1.01
C SER A 172 2.42 2.20 0.46
N ASN A 173 2.75 0.95 0.77
CA ASN A 173 2.94 0.60 2.20
C ASN A 173 4.00 1.48 2.92
N THR A 174 5.10 1.75 2.24
CA THR A 174 6.16 2.61 2.79
C THR A 174 5.64 4.01 2.96
N GLY A 175 4.84 4.46 1.99
CA GLY A 175 4.16 5.73 2.11
C GLY A 175 3.25 5.87 3.32
N HIS A 177 3.51 4.18 6.07
CA HIS A 177 4.35 4.20 7.28
C HIS A 177 4.99 5.59 7.45
N LEU A 178 5.44 6.22 6.37
CA LEU A 178 5.98 7.57 6.52
C LEU A 178 4.87 8.50 7.02
N LEU A 179 3.65 8.33 6.49
CA LEU A 179 2.52 9.16 6.91
C LEU A 179 2.29 9.06 8.44
N ILE A 180 2.35 7.85 8.97
CA ILE A 180 2.23 7.64 10.42
C ILE A 180 3.27 8.50 11.14
N GLY A 181 4.49 8.44 10.67
CA GLY A 181 5.58 9.21 11.29
C GLY A 181 5.35 10.70 11.22
N LEU A 182 4.86 11.19 10.07
CA LEU A 182 4.63 12.62 9.94
C LEU A 182 3.53 13.08 10.87
N LEU A 183 2.47 12.28 11.01
CA LEU A 183 1.36 12.71 11.89
C LEU A 183 1.81 12.68 13.35
N ALA A 184 2.60 11.66 13.72
CA ALA A 184 3.18 11.62 15.06
C ALA A 184 4.09 12.82 15.32
N ALA A 185 4.89 13.20 14.32
CA ALA A 185 5.79 14.36 14.46
C ALA A 185 4.99 15.67 14.61
N LEU A 186 3.85 15.78 13.92
CA LEU A 186 2.98 16.96 14.10
C LEU A 186 2.45 16.98 15.53
N LEU A 187 2.08 15.80 16.04
CA LEU A 187 1.57 15.76 17.41
C LEU A 187 2.68 16.08 18.40
N HIS A 188 3.88 15.58 18.14
CA HIS A 188 5.02 15.85 19.01
C HIS A 188 5.33 17.37 19.00
N ARG A 189 5.19 18.01 17.84
CA ARG A 189 5.47 19.45 17.73
C ARG A 189 4.53 20.34 18.56
N GLU A 190 3.30 19.88 18.77
CA GLU A 190 2.38 20.55 19.69
C GLU A 190 2.96 20.63 21.11
N LYS A 191 3.85 19.69 21.46
CA LYS A 191 4.49 19.63 22.78
C LYS A 191 5.85 20.31 22.86
N THR A 192 6.67 20.20 21.81
CA THR A 192 8.06 20.66 21.84
C THR A 192 8.23 22.02 21.16
N GLY A 193 7.25 22.39 20.34
CA GLY A 193 7.38 23.52 19.43
C GLY A 193 8.43 23.36 18.34
N ARG A 194 8.92 22.14 18.13
CA ARG A 194 9.99 21.90 17.16
C ARG A 194 9.59 20.82 16.17
N GLY A 195 10.14 20.95 14.96
CA GLY A 195 10.07 19.89 13.97
C GLY A 195 11.14 18.88 14.26
N GLN A 196 11.29 17.93 13.35
CA GLN A 196 12.30 16.90 13.45
C GLN A 196 12.39 16.19 12.11
N ARG A 197 13.34 15.27 12.01
CA ARG A 197 13.47 14.41 10.83
C ARG A 197 12.77 13.09 11.07
N VAL A 198 12.01 12.63 10.08
CA VAL A 198 11.36 11.31 10.13
C VAL A 198 11.85 10.51 8.93
N THR A 199 12.35 9.29 9.15
CA THR A 199 12.80 8.50 8.00
C THR A 199 12.12 7.14 7.96
N SER A 201 12.31 3.35 5.68
CA SER A 201 12.84 2.55 4.59
C SER A 201 11.85 1.55 4.02
N GLN A 203 12.60 -1.43 2.90
CA GLN A 203 12.85 -2.75 3.52
C GLN A 203 12.09 -2.89 4.85
N ASP A 204 12.12 -1.85 5.69
CA ASP A 204 11.47 -1.90 7.01
C ASP A 204 9.93 -1.97 6.88
N ALA A 205 9.38 -1.33 5.85
CA ALA A 205 7.92 -1.37 5.65
C ALA A 205 7.48 -2.79 5.35
N VAL A 206 8.26 -3.46 4.50
CA VAL A 206 7.97 -4.84 4.13
C VAL A 206 8.10 -5.72 5.36
N LEU A 207 9.21 -5.59 6.09
CA LEU A 207 9.41 -6.38 7.28
C LEU A 207 8.28 -6.22 8.31
N ASN A 208 7.81 -4.97 8.51
CA ASN A 208 6.75 -4.75 9.48
C ASN A 208 5.48 -5.57 9.11
N LEU A 209 5.16 -5.63 7.81
CA LEU A 209 4.00 -6.44 7.42
C LEU A 209 4.27 -7.93 7.51
N CYS A 210 5.55 -8.29 7.57
CA CYS A 210 5.94 -9.71 7.74
C CYS A 210 6.31 -10.10 9.16
N ARG A 211 5.84 -9.33 10.14
CA ARG A 211 6.09 -9.63 11.54
C ARG A 211 5.73 -11.07 11.88
N VAL A 212 4.59 -11.56 11.41
CA VAL A 212 4.21 -12.94 11.76
C VAL A 212 5.13 -14.00 11.19
N LYS A 213 5.89 -13.66 10.14
CA LYS A 213 6.84 -14.65 9.61
C LYS A 213 8.10 -14.69 10.48
N LEU A 214 8.39 -13.58 11.19
CA LEU A 214 9.46 -13.59 12.21
C LEU A 214 9.04 -14.39 13.48
N ARG A 215 7.74 -14.35 13.84
CA ARG A 215 7.17 -15.25 14.82
C ARG A 215 7.46 -16.70 14.39
N ASP A 216 7.11 -17.03 13.16
CA ASP A 216 7.30 -18.40 12.69
C ASP A 216 8.75 -18.84 12.63
N GLN A 217 9.66 -17.91 12.30
CA GLN A 217 11.09 -18.26 12.25
C GLN A 217 11.57 -18.63 13.65
N GLN A 218 11.10 -17.92 14.66
CA GLN A 218 11.53 -18.26 16.01
C GLN A 218 10.94 -19.57 16.50
N ARG A 219 9.70 -19.86 16.10
CA ARG A 219 9.08 -21.13 16.44
C ARG A 219 9.85 -22.25 15.77
N LEU A 220 10.23 -22.01 14.52
CA LEU A 220 10.96 -23.04 13.76
C LEU A 220 12.33 -23.29 14.39
N ASP A 221 12.99 -22.21 14.80
CA ASP A 221 14.31 -22.30 15.46
C ASP A 221 14.21 -23.14 16.74
N LYS A 222 13.13 -22.97 17.48
CA LYS A 222 12.93 -23.65 18.77
C LYS A 222 12.56 -25.12 18.59
N LEU A 223 11.65 -25.39 17.67
CA LEU A 223 11.02 -26.71 17.61
C LEU A 223 11.46 -27.60 16.45
N GLY A 224 11.89 -26.98 15.35
CA GLY A 224 12.25 -27.68 14.12
C GLY A 224 11.11 -27.98 13.15
N TYR A 225 9.92 -27.53 13.48
CA TYR A 225 8.74 -27.71 12.64
C TYR A 225 7.70 -26.66 12.98
N LEU A 226 6.78 -26.44 12.04
CA LEU A 226 5.65 -25.54 12.24
C LEU A 226 4.37 -26.34 11.98
N GLU A 227 3.65 -26.62 13.07
CA GLU A 227 2.56 -27.59 13.05
C GLU A 227 1.46 -27.28 12.03
N GLU A 228 1.23 -25.98 11.80
CA GLU A 228 0.14 -25.56 10.93
C GLU A 228 0.54 -25.36 9.47
N TYR A 229 1.82 -25.56 9.16
CA TYR A 229 2.30 -25.36 7.79
C TYR A 229 2.06 -26.61 6.97
N PRO A 230 1.91 -26.47 5.65
CA PRO A 230 1.62 -27.64 4.80
C PRO A 230 2.67 -28.74 4.93
N GLN A 231 3.90 -28.39 5.26
CA GLN A 231 5.02 -29.35 5.39
C GLN A 231 4.90 -30.25 6.59
N TYR A 232 4.01 -29.94 7.52
CA TYR A 232 3.80 -30.81 8.69
C TYR A 232 2.60 -31.74 8.44
N PRO A 233 2.69 -33.05 8.75
CA PRO A 233 3.88 -33.73 9.27
C PRO A 233 4.66 -34.55 8.24
N ASN A 234 4.27 -34.55 6.97
CA ASN A 234 4.85 -35.49 6.03
C ASN A 234 5.87 -34.89 5.07
N GLY A 235 6.12 -33.60 5.25
CA GLY A 235 7.16 -32.93 4.48
C GLY A 235 8.39 -32.65 5.30
N THR A 236 9.19 -31.70 4.83
N THR A 236 9.17 -31.69 4.82
CA THR A 236 10.45 -31.39 5.47
CA THR A 236 10.46 -31.39 5.42
C THR A 236 10.55 -29.91 5.73
C THR A 236 10.55 -29.90 5.73
N PHE A 237 11.16 -29.58 6.87
CA PHE A 237 11.51 -28.20 7.20
C PHE A 237 13.01 -27.99 7.11
N GLY A 238 13.38 -26.86 6.56
CA GLY A 238 14.76 -26.38 6.55
C GLY A 238 15.03 -25.41 7.67
N ASP A 239 16.07 -24.59 7.50
N ASP A 239 16.07 -24.60 7.48
CA ASP A 239 16.45 -23.65 8.55
CA ASP A 239 16.50 -23.64 8.49
C ASP A 239 15.59 -22.39 8.56
C ASP A 239 15.62 -22.39 8.53
N ALA A 240 14.92 -22.11 7.43
CA ALA A 240 14.12 -20.87 7.31
C ALA A 240 12.66 -21.17 7.06
N VAL A 241 11.78 -20.25 7.50
CA VAL A 241 10.35 -20.37 7.24
C VAL A 241 10.12 -20.60 5.75
N PRO A 242 9.40 -21.66 5.37
CA PRO A 242 9.15 -21.95 3.95
C PRO A 242 7.87 -21.30 3.44
N ARG A 243 7.75 -21.31 2.12
CA ARG A 243 6.51 -20.91 1.47
C ARG A 243 5.44 -21.92 1.78
N GLY A 244 4.24 -21.42 2.01
CA GLY A 244 3.13 -22.28 2.43
C GLY A 244 1.96 -22.23 1.46
N GLY A 245 2.17 -21.79 0.22
CA GLY A 245 1.07 -21.67 -0.74
C GLY A 245 -0.06 -20.79 -0.18
N ASN A 246 -1.27 -21.35 -0.14
CA ASN A 246 -2.45 -20.59 0.27
C ASN A 246 -2.92 -20.86 1.69
N ALA A 247 -1.98 -21.27 2.53
CA ALA A 247 -2.24 -21.50 3.94
C ALA A 247 -2.66 -20.22 4.71
N GLY A 248 -3.37 -20.42 5.82
CA GLY A 248 -3.92 -19.34 6.62
C GLY A 248 -2.99 -18.25 7.09
N GLY A 249 -1.77 -18.64 7.50
CA GLY A 249 -0.80 -17.67 7.97
C GLY A 249 -0.87 -17.34 9.46
N GLY A 250 -1.89 -17.84 10.15
CA GLY A 250 -2.16 -17.53 11.56
C GLY A 250 -2.67 -18.76 12.28
N GLY A 251 -3.56 -18.54 13.23
CA GLY A 251 -4.14 -19.61 14.04
C GLY A 251 -5.32 -20.34 13.43
N GLN A 252 -5.80 -19.90 12.26
CA GLN A 252 -6.96 -20.52 11.59
C GLN A 252 -6.64 -20.94 10.15
N PRO A 253 -6.61 -22.24 9.92
CA PRO A 253 -6.25 -22.78 8.60
C PRO A 253 -7.24 -22.36 7.52
N GLY A 254 -6.75 -22.31 6.29
CA GLY A 254 -7.62 -22.04 5.16
C GLY A 254 -6.90 -22.31 3.87
N TRP A 255 -7.61 -22.10 2.76
CA TRP A 255 -7.04 -22.41 1.45
C TRP A 255 -7.86 -21.71 0.37
N ILE A 256 -7.25 -21.54 -0.80
CA ILE A 256 -7.97 -21.04 -1.98
C ILE A 256 -8.60 -22.24 -2.71
N LEU A 257 -9.93 -22.25 -2.84
CA LEU A 257 -10.67 -23.38 -3.43
C LEU A 257 -11.27 -22.98 -4.76
N LYS A 258 -11.20 -23.90 -5.70
CA LYS A 258 -11.79 -23.72 -7.04
C LYS A 258 -13.30 -23.66 -6.97
N CYS A 259 -13.88 -22.75 -7.76
CA CYS A 259 -15.33 -22.71 -7.95
C CYS A 259 -15.66 -22.97 -9.42
N LYS A 260 -16.96 -23.02 -9.73
CA LYS A 260 -17.36 -23.27 -11.10
C LYS A 260 -16.77 -22.24 -12.06
N GLY A 261 -16.13 -22.75 -13.12
CA GLY A 261 -15.57 -21.90 -14.16
C GLY A 261 -14.07 -21.70 -14.05
N TRP A 262 -13.43 -22.30 -13.05
CA TRP A 262 -11.98 -22.12 -12.84
C TRP A 262 -11.11 -22.56 -14.02
N GLU A 263 -11.60 -23.44 -14.88
CA GLU A 263 -10.75 -23.89 -15.99
C GLU A 263 -10.45 -22.72 -16.94
N THR A 264 -11.37 -21.78 -17.06
CA THR A 264 -11.21 -20.65 -18.00
C THR A 264 -11.17 -19.28 -17.32
N ASP A 265 -11.62 -19.21 -16.06
CA ASP A 265 -11.71 -17.93 -15.38
C ASP A 265 -10.71 -17.96 -14.23
N PRO A 266 -9.66 -17.14 -14.32
CA PRO A 266 -8.60 -17.22 -13.32
C PRO A 266 -9.02 -16.71 -11.95
N ASN A 267 -10.23 -16.16 -11.80
CA ASN A 267 -10.70 -15.65 -10.51
C ASN A 267 -11.94 -16.39 -10.02
N ALA A 268 -12.20 -17.55 -10.63
CA ALA A 268 -13.35 -18.39 -10.18
C ALA A 268 -12.94 -19.25 -8.98
N TYR A 269 -12.73 -18.60 -7.83
CA TYR A 269 -12.17 -19.24 -6.62
C TYR A 269 -12.74 -18.51 -5.41
N ILE A 270 -12.66 -19.13 -4.25
CA ILE A 270 -12.94 -18.43 -2.98
C ILE A 270 -11.77 -18.68 -2.02
N TYR A 271 -11.66 -17.85 -0.97
CA TYR A 271 -10.81 -18.23 0.16
C TYR A 271 -11.72 -18.80 1.22
N PHE A 272 -11.36 -19.95 1.80
CA PHE A 272 -12.20 -20.59 2.80
C PHE A 272 -11.39 -20.77 4.09
N THR A 273 -11.90 -20.30 5.24
CA THR A 273 -11.22 -20.52 6.54
C THR A 273 -11.95 -21.60 7.32
N ILE A 274 -11.19 -22.54 7.85
CA ILE A 274 -11.67 -23.52 8.84
C ILE A 274 -11.42 -22.92 10.22
N GLN A 275 -12.43 -22.22 10.73
CA GLN A 275 -12.31 -21.54 12.01
C GLN A 275 -12.57 -22.53 13.14
N GLU A 276 -11.61 -22.64 14.07
CA GLU A 276 -11.66 -23.65 15.13
C GLU A 276 -13.00 -23.69 15.88
N GLN A 277 -13.49 -22.52 16.29
CA GLN A 277 -14.71 -22.41 17.05
C GLN A 277 -15.96 -22.64 16.19
N ASN A 278 -15.76 -22.76 14.88
CA ASN A 278 -16.86 -22.98 13.93
C ASN A 278 -16.87 -24.37 13.31
N TRP A 279 -16.18 -25.33 13.90
CA TRP A 279 -16.04 -26.62 13.24
C TRP A 279 -17.37 -27.36 13.00
N GLU A 280 -18.24 -27.38 14.02
N GLU A 280 -18.23 -27.36 14.02
CA GLU A 280 -19.51 -28.06 13.85
CA GLU A 280 -19.53 -28.03 13.88
C GLU A 280 -20.36 -27.44 12.73
C GLU A 280 -20.37 -27.44 12.76
N ASN A 281 -20.41 -26.10 12.69
CA ASN A 281 -21.15 -25.41 11.63
C ASN A 281 -20.56 -25.71 10.26
N THR A 282 -19.22 -25.81 10.17
CA THR A 282 -18.57 -26.18 8.93
C THR A 282 -18.97 -27.58 8.47
N CYS A 283 -19.05 -28.51 9.43
CA CYS A 283 -19.45 -29.88 9.15
C CYS A 283 -20.88 -29.93 8.62
N LYS A 284 -21.77 -29.12 9.22
CA LYS A 284 -23.17 -29.05 8.79
C LYS A 284 -23.23 -28.50 7.37
N ALA A 285 -22.45 -27.45 7.11
CA ALA A 285 -22.38 -26.83 5.77
C ALA A 285 -22.05 -27.82 4.66
N ILE A 286 -21.07 -28.69 4.90
CA ILE A 286 -20.58 -29.57 3.85
C ILE A 286 -21.15 -30.99 3.88
N GLY A 287 -22.17 -31.22 4.71
CA GLY A 287 -22.81 -32.53 4.78
C GLY A 287 -21.97 -33.63 5.41
N LYS A 288 -21.16 -33.27 6.39
CA LYS A 288 -20.33 -34.23 7.11
C LYS A 288 -20.59 -34.19 8.64
N PRO A 289 -21.84 -34.42 9.07
CA PRO A 289 -22.11 -34.45 10.51
C PRO A 289 -21.25 -35.48 11.27
N GLU A 290 -20.88 -36.59 10.63
CA GLU A 290 -20.02 -37.60 11.26
C GLU A 290 -18.67 -37.02 11.73
N TRP A 291 -18.21 -35.95 11.06
CA TRP A 291 -16.95 -35.29 11.45
C TRP A 291 -17.05 -34.40 12.71
N ILE A 292 -18.27 -34.21 13.21
CA ILE A 292 -18.43 -33.46 14.45
C ILE A 292 -17.81 -34.20 15.65
N THR A 293 -17.96 -35.53 15.72
CA THR A 293 -17.43 -36.28 16.86
C THR A 293 -16.31 -37.26 16.55
N ASP A 294 -16.03 -37.49 15.27
CA ASP A 294 -14.96 -38.39 14.86
C ASP A 294 -13.65 -37.82 15.44
N PRO A 295 -12.93 -38.59 16.27
CA PRO A 295 -11.69 -38.09 16.89
C PRO A 295 -10.63 -37.64 15.87
N ALA A 296 -10.70 -38.11 14.64
CA ALA A 296 -9.72 -37.68 13.63
C ALA A 296 -10.04 -36.28 13.10
N TYR A 297 -11.24 -35.76 13.40
CA TYR A 297 -11.66 -34.48 12.84
C TYR A 297 -12.10 -33.46 13.88
N SER A 298 -12.36 -33.90 15.10
CA SER A 298 -13.07 -33.05 16.08
C SER A 298 -12.27 -31.86 16.64
N THR A 299 -10.94 -31.92 16.52
CA THR A 299 -10.06 -30.83 16.99
C THR A 299 -9.10 -30.41 15.89
N ALA A 300 -8.61 -29.16 15.97
CA ALA A 300 -7.64 -28.66 14.99
C ALA A 300 -6.35 -29.50 14.88
N HIS A 301 -5.81 -29.90 16.04
N HIS A 301 -5.80 -29.89 16.03
CA HIS A 301 -4.62 -30.74 16.12
CA HIS A 301 -4.59 -30.72 16.06
C HIS A 301 -4.85 -32.05 15.37
C HIS A 301 -4.83 -32.06 15.35
N ALA A 302 -6.02 -32.65 15.56
CA ALA A 302 -6.35 -33.90 14.86
C ALA A 302 -6.54 -33.72 13.35
N ARG A 303 -7.12 -32.60 12.93
CA ARG A 303 -7.35 -32.33 11.52
C ARG A 303 -6.06 -32.06 10.71
N GLN A 304 -5.08 -31.44 11.36
CA GLN A 304 -3.92 -30.92 10.64
C GLN A 304 -3.20 -31.91 9.71
N PRO A 305 -2.87 -33.14 10.14
CA PRO A 305 -2.20 -34.12 9.26
C PRO A 305 -2.94 -34.55 8.00
N HIS A 306 -4.25 -34.32 7.95
CA HIS A 306 -5.01 -34.64 6.76
C HIS A 306 -5.86 -33.45 6.32
N ILE A 307 -5.39 -32.25 6.65
CA ILE A 307 -6.15 -31.04 6.34
C ILE A 307 -6.44 -30.90 4.84
N PHE A 308 -5.55 -31.39 3.97
CA PHE A 308 -5.80 -31.23 2.53
C PHE A 308 -6.88 -32.16 1.98
N ASP A 309 -7.06 -33.32 2.64
CA ASP A 309 -8.20 -34.19 2.35
C ASP A 309 -9.52 -33.48 2.66
N ILE A 310 -9.53 -32.70 3.74
CA ILE A 310 -10.68 -31.89 4.14
C ILE A 310 -10.98 -30.77 3.11
N PHE A 311 -9.94 -30.01 2.75
CA PHE A 311 -10.11 -28.99 1.71
C PHE A 311 -10.59 -29.63 0.39
N ALA A 312 -10.08 -30.81 0.07
CA ALA A 312 -10.53 -31.53 -1.14
C ALA A 312 -12.03 -31.84 -1.07
N GLU A 313 -12.52 -32.23 0.11
CA GLU A 313 -13.94 -32.52 0.29
C GLU A 313 -14.82 -31.29 0.12
N ILE A 314 -14.38 -30.15 0.68
CA ILE A 314 -15.09 -28.90 0.51
C ILE A 314 -15.06 -28.51 -0.96
N GLU A 315 -13.91 -28.67 -1.62
CA GLU A 315 -13.82 -28.30 -3.03
C GLU A 315 -14.72 -29.13 -3.96
N LYS A 316 -15.03 -30.35 -3.56
CA LYS A 316 -16.01 -31.14 -4.33
C LYS A 316 -17.35 -30.43 -4.45
N TYR A 317 -17.74 -29.68 -3.43
CA TYR A 317 -18.91 -28.82 -3.49
C TYR A 317 -18.64 -27.51 -4.25
N THR A 318 -17.60 -26.77 -3.83
CA THR A 318 -17.40 -25.42 -4.43
C THR A 318 -17.20 -25.42 -5.95
N VAL A 319 -16.58 -26.48 -6.48
N VAL A 319 -16.58 -26.47 -6.51
CA VAL A 319 -16.33 -26.56 -7.92
CA VAL A 319 -16.36 -26.53 -7.96
C VAL A 319 -17.65 -26.63 -8.73
C VAL A 319 -17.68 -26.56 -8.74
N THR A 320 -18.77 -26.90 -8.05
CA THR A 320 -20.08 -27.07 -8.75
C THR A 320 -20.92 -25.83 -8.84
N ILE A 321 -20.56 -24.78 -8.12
CA ILE A 321 -21.33 -23.53 -8.16
C ILE A 321 -20.44 -22.30 -8.33
N ASP A 322 -21.07 -21.21 -8.76
CA ASP A 322 -20.40 -19.93 -8.96
C ASP A 322 -19.85 -19.47 -7.61
N LYS A 323 -18.69 -18.82 -7.62
CA LYS A 323 -18.11 -18.35 -6.35
C LYS A 323 -19.04 -17.50 -5.50
N HIS A 324 -19.84 -16.64 -6.12
CA HIS A 324 -20.72 -15.79 -5.34
C HIS A 324 -21.83 -16.62 -4.67
N GLU A 325 -22.31 -17.65 -5.37
N GLU A 325 -22.28 -17.66 -5.35
CA GLU A 325 -23.28 -18.58 -4.80
CA GLU A 325 -23.28 -18.58 -4.80
C GLU A 325 -22.65 -19.33 -3.64
C GLU A 325 -22.68 -19.41 -3.69
N ALA A 326 -21.40 -19.77 -3.83
CA ALA A 326 -20.70 -20.53 -2.80
C ALA A 326 -20.63 -19.69 -1.52
N VAL A 327 -20.28 -18.41 -1.63
CA VAL A 327 -20.13 -17.59 -0.45
C VAL A 327 -21.50 -17.35 0.18
N ALA A 328 -22.52 -17.16 -0.66
CA ALA A 328 -23.89 -16.94 -0.13
C ALA A 328 -24.36 -18.13 0.70
N TYR A 329 -24.01 -19.33 0.27
CA TYR A 329 -24.40 -20.55 0.98
C TYR A 329 -23.59 -20.71 2.27
N LEU A 330 -22.28 -20.62 2.15
CA LEU A 330 -21.40 -20.99 3.23
C LEU A 330 -21.45 -20.02 4.39
N THR A 331 -21.66 -18.74 4.08
CA THR A 331 -21.69 -17.73 5.16
C THR A 331 -22.93 -17.86 6.04
N GLN A 332 -23.94 -18.64 5.60
CA GLN A 332 -25.11 -18.91 6.43
C GLN A 332 -24.71 -19.72 7.65
N PHE A 333 -23.58 -20.41 7.53
CA PHE A 333 -23.05 -21.25 8.58
C PHE A 333 -21.90 -20.55 9.32
N ASP A 334 -21.81 -19.22 9.16
CA ASP A 334 -20.78 -18.39 9.79
C ASP A 334 -19.35 -18.74 9.45
N ILE A 335 -19.16 -19.28 8.25
CA ILE A 335 -17.80 -19.60 7.79
C ILE A 335 -17.15 -18.31 7.29
N PRO A 336 -15.91 -18.01 7.69
CA PRO A 336 -15.21 -16.84 7.12
C PRO A 336 -14.73 -17.23 5.71
N CYS A 337 -15.27 -16.56 4.71
CA CYS A 337 -14.90 -16.87 3.36
C CYS A 337 -15.29 -15.70 2.49
N ALA A 338 -14.68 -15.62 1.31
CA ALA A 338 -15.04 -14.55 0.37
C ALA A 338 -14.58 -15.00 -1.01
N PRO A 339 -15.19 -14.43 -2.05
CA PRO A 339 -14.73 -14.72 -3.41
C PRO A 339 -13.41 -14.04 -3.63
N VAL A 340 -12.61 -14.60 -4.52
CA VAL A 340 -11.45 -13.90 -5.04
C VAL A 340 -12.01 -12.89 -6.04
N LEU A 341 -12.11 -11.63 -5.61
CA LEU A 341 -12.63 -10.59 -6.49
C LEU A 341 -11.55 -10.13 -7.46
N SER A 342 -11.91 -10.07 -8.75
CA SER A 342 -11.01 -9.52 -9.75
C SER A 342 -11.03 -7.99 -9.70
N LYS A 344 -11.70 -6.15 -12.13
N LYS A 344 -11.70 -6.17 -12.12
CA LYS A 344 -12.88 -5.73 -12.89
CA LYS A 344 -12.87 -5.73 -12.87
C LYS A 344 -14.09 -5.67 -11.95
C LYS A 344 -14.09 -5.68 -11.95
N GLU A 345 -14.29 -6.73 -11.16
CA GLU A 345 -15.38 -6.76 -10.19
C GLU A 345 -15.25 -5.60 -9.20
N ILE A 346 -14.03 -5.37 -8.71
CA ILE A 346 -13.83 -4.25 -7.78
C ILE A 346 -14.12 -2.87 -8.40
N SER A 347 -13.73 -2.71 -9.67
CA SER A 347 -13.85 -1.43 -10.37
C SER A 347 -15.32 -1.08 -10.56
N LEU A 348 -16.18 -2.09 -10.54
CA LEU A 348 -17.63 -1.90 -10.82
C LEU A 348 -18.53 -2.11 -9.61
N ASP A 349 -17.96 -2.47 -8.47
CA ASP A 349 -18.78 -2.83 -7.32
C ASP A 349 -19.53 -1.62 -6.75
N PRO A 350 -20.86 -1.65 -6.71
CA PRO A 350 -21.59 -0.47 -6.22
C PRO A 350 -21.31 -0.14 -4.76
N SER A 351 -21.08 -1.15 -3.91
CA SER A 351 -20.82 -0.88 -2.50
C SER A 351 -19.51 -0.12 -2.28
N LEU A 352 -18.52 -0.42 -3.12
CA LEU A 352 -17.25 0.31 -3.01
C LEU A 352 -17.39 1.75 -3.50
N ARG A 353 -18.32 2.03 -4.43
CA ARG A 353 -18.62 3.42 -4.75
C ARG A 353 -19.33 4.11 -3.58
N GLN A 354 -20.30 3.42 -2.99
CA GLN A 354 -21.09 4.02 -1.93
C GLN A 354 -20.21 4.33 -0.71
N SER A 355 -19.25 3.46 -0.43
CA SER A 355 -18.34 3.65 0.70
C SER A 355 -17.22 4.66 0.46
N GLY A 356 -17.04 5.08 -0.78
CA GLY A 356 -15.98 6.02 -1.10
C GLY A 356 -14.65 5.30 -1.20
N SER A 357 -14.67 3.98 -1.34
CA SER A 357 -13.42 3.22 -1.50
C SER A 357 -12.90 3.25 -2.94
N VAL A 358 -13.83 3.26 -3.89
CA VAL A 358 -13.49 3.47 -5.31
C VAL A 358 -14.23 4.75 -5.67
N VAL A 359 -13.51 5.70 -6.23
CA VAL A 359 -14.01 7.07 -6.45
C VAL A 359 -13.79 7.51 -7.88
N GLU A 360 -14.86 8.01 -8.50
CA GLU A 360 -14.78 8.61 -9.82
C GLU A 360 -14.35 10.09 -9.73
N VAL A 361 -13.38 10.45 -10.55
CA VAL A 361 -12.84 11.80 -10.55
C VAL A 361 -12.81 12.31 -11.99
N GLU A 362 -13.19 13.57 -12.18
CA GLU A 362 -13.03 14.23 -13.48
C GLU A 362 -11.67 14.90 -13.64
N GLN A 363 -10.91 14.45 -14.62
CA GLN A 363 -9.56 14.97 -14.86
C GLN A 363 -9.53 15.84 -16.13
N PRO A 364 -8.99 17.06 -16.05
CA PRO A 364 -8.84 17.87 -17.26
C PRO A 364 -8.13 17.12 -18.38
N LEU A 365 -8.65 17.29 -19.60
CA LEU A 365 -8.10 16.67 -20.82
C LEU A 365 -8.34 15.15 -20.96
N ARG A 366 -8.63 14.46 -19.86
CA ARG A 366 -8.84 13.02 -19.89
C ARG A 366 -10.31 12.65 -19.80
N GLY A 367 -11.01 13.36 -18.91
CA GLY A 367 -12.36 12.98 -18.51
C GLY A 367 -12.31 12.14 -17.24
N LYS A 368 -13.25 11.19 -17.13
CA LYS A 368 -13.40 10.44 -15.88
C LYS A 368 -12.29 9.39 -15.70
N TYR A 369 -11.80 9.26 -14.46
CA TYR A 369 -11.02 8.07 -14.07
C TYR A 369 -11.43 7.59 -12.71
N LEU A 370 -11.04 6.36 -12.38
CA LEU A 370 -11.29 5.82 -11.05
C LEU A 370 -10.00 5.84 -10.24
N THR A 371 -10.17 6.10 -8.94
CA THR A 371 -9.04 5.99 -8.03
C THR A 371 -9.47 5.26 -6.78
N VAL A 372 -8.51 4.83 -5.94
CA VAL A 372 -8.86 4.33 -4.62
C VAL A 372 -8.98 5.53 -3.74
N GLY A 373 -10.09 5.64 -3.01
CA GLY A 373 -10.33 6.80 -2.16
C GLY A 373 -9.60 6.75 -0.84
N CYS A 374 -10.06 7.57 0.09
CA CYS A 374 -9.42 7.63 1.40
C CYS A 374 -9.94 6.43 2.17
N PRO A 375 -9.04 5.54 2.58
CA PRO A 375 -9.49 4.24 3.05
C PRO A 375 -10.21 4.22 4.38
N LYS A 377 -12.56 5.88 7.37
CA LYS A 377 -13.72 6.78 7.39
C LYS A 377 -13.81 7.50 8.71
N PHE A 378 -14.23 8.76 8.66
CA PHE A 378 -14.26 9.64 9.82
C PHE A 378 -15.67 10.17 10.00
N SER A 379 -16.16 10.19 11.25
CA SER A 379 -17.51 10.73 11.46
C SER A 379 -17.56 12.26 11.40
N ALA A 380 -16.41 12.91 11.59
CA ALA A 380 -16.38 14.36 11.66
C ALA A 380 -15.86 15.08 10.45
N PHE A 381 -15.43 14.36 9.41
CA PHE A 381 -15.13 14.98 8.11
C PHE A 381 -15.07 13.97 6.99
N THR A 382 -15.36 14.46 5.78
CA THR A 382 -15.31 13.64 4.58
C THR A 382 -14.40 14.32 3.57
N PRO A 383 -13.34 13.64 3.16
CA PRO A 383 -12.45 14.19 2.12
C PRO A 383 -13.21 14.38 0.82
N ASP A 384 -12.83 15.41 0.08
CA ASP A 384 -13.38 15.62 -1.26
C ASP A 384 -12.24 15.34 -2.23
N ILE A 385 -12.32 14.24 -2.96
CA ILE A 385 -11.23 13.81 -3.83
C ILE A 385 -11.35 14.50 -5.20
N LYS A 386 -10.28 15.17 -5.60
CA LYS A 386 -10.29 16.05 -6.79
C LYS A 386 -9.25 15.63 -7.80
N ALA A 387 -9.25 16.31 -8.95
CA ALA A 387 -8.27 16.08 -9.99
C ALA A 387 -6.84 16.28 -9.53
N ALA A 388 -5.98 15.64 -10.34
CA ALA A 388 -4.55 15.76 -10.25
C ALA A 388 -4.15 17.07 -10.96
N PRO A 389 -3.06 17.74 -10.53
CA PRO A 389 -2.53 18.98 -11.22
C PRO A 389 -1.87 18.76 -12.55
N LEU A 390 -2.07 19.69 -13.41
CA LEU A 390 -1.28 19.70 -14.64
C LEU A 390 0.13 20.20 -14.28
N LEU A 391 1.13 19.86 -15.07
CA LEU A 391 2.51 20.21 -14.73
C LEU A 391 2.67 21.74 -14.72
N GLY A 392 3.08 22.28 -13.57
CA GLY A 392 3.27 23.72 -13.43
C GLY A 392 1.99 24.54 -13.35
N GLU A 393 0.86 23.89 -13.14
CA GLU A 393 -0.44 24.57 -13.14
C GLU A 393 -0.49 25.72 -12.12
N HIS A 394 0.24 25.58 -11.01
CA HIS A 394 0.14 26.50 -9.87
C HIS A 394 1.40 27.33 -9.64
N THR A 395 2.34 27.29 -10.58
CA THR A 395 3.61 28.01 -10.40
C THR A 395 3.36 29.48 -10.11
N ALA A 396 2.59 30.15 -10.97
CA ALA A 396 2.30 31.58 -10.77
C ALA A 396 1.57 31.88 -9.45
N ALA A 397 0.58 31.06 -9.12
CA ALA A 397 -0.19 31.28 -7.90
C ALA A 397 0.71 31.17 -6.68
N VAL A 398 1.58 30.16 -6.67
CA VAL A 398 2.47 29.99 -5.53
C VAL A 398 3.48 31.15 -5.41
N LEU A 399 4.03 31.60 -6.53
CA LEU A 399 4.97 32.71 -6.48
C LEU A 399 4.27 33.99 -5.99
N GLN A 400 3.03 34.20 -6.39
CA GLN A 400 2.22 35.33 -5.89
C GLN A 400 2.00 35.26 -4.38
N GLU A 401 1.68 34.06 -3.89
CA GLU A 401 1.48 33.87 -2.45
C GLU A 401 2.76 34.16 -1.66
N LEU A 402 3.91 33.96 -2.28
CA LEU A 402 5.21 34.18 -1.67
C LEU A 402 5.59 35.67 -1.70
N GLY A 403 4.78 36.48 -2.37
CA GLY A 403 5.02 37.93 -2.39
C GLY A 403 5.73 38.45 -3.62
N TYR A 404 5.92 37.60 -4.62
CA TYR A 404 6.50 38.07 -5.89
C TYR A 404 5.47 38.86 -6.69
N SER A 405 5.91 39.98 -7.27
CA SER A 405 5.08 40.76 -8.18
C SER A 405 4.86 40.11 -9.53
N ASP A 406 3.84 40.59 -10.26
CA ASP A 406 3.61 40.07 -11.60
C ASP A 406 4.79 40.28 -12.54
N ASP A 407 5.45 41.45 -12.44
CA ASP A 407 6.66 41.67 -13.24
C ASP A 407 7.80 40.72 -12.87
N GLU A 408 7.96 40.44 -11.56
CA GLU A 408 9.00 39.50 -11.12
C GLU A 408 8.72 38.09 -11.65
N ILE A 409 7.45 37.68 -11.61
CA ILE A 409 7.08 36.36 -12.11
C ILE A 409 7.34 36.26 -13.59
N ALA A 410 6.86 37.26 -14.34
CA ALA A 410 7.15 37.35 -15.76
C ALA A 410 8.64 37.29 -16.07
N ALA A 411 9.46 38.04 -15.30
CA ALA A 411 10.92 37.99 -15.48
C ALA A 411 11.53 36.61 -15.21
N LYS A 413 9.99 33.70 -15.57
CA LYS A 413 9.55 32.84 -16.67
C LYS A 413 10.37 33.11 -17.93
N GLN A 414 10.61 34.40 -18.20
CA GLN A 414 11.44 34.81 -19.33
C GLN A 414 12.89 34.34 -19.22
N ASN A 415 13.50 34.54 -18.05
CA ASN A 415 14.86 34.09 -17.80
C ASN A 415 14.99 32.59 -18.07
N HIS A 416 13.97 31.84 -17.66
CA HIS A 416 13.94 30.39 -17.84
C HIS A 416 13.83 30.02 -19.31
N ALA A 417 12.92 30.68 -20.03
CA ALA A 417 12.71 30.45 -21.46
C ALA A 417 13.98 30.72 -22.27
N ILE A 418 14.74 31.73 -21.85
CA ILE A 418 16.00 32.09 -22.53
C ILE A 418 17.15 31.13 -22.22
N GLU A 419 17.30 30.73 -20.94
CA GLU A 419 18.40 29.84 -20.53
C GLU A 419 18.52 28.55 -21.35
#